data_7ZWU
#
_entry.id   7ZWU
#
_cell.length_a   67.410
_cell.length_b   67.410
_cell.length_c   165.130
_cell.angle_alpha   90.000
_cell.angle_beta   90.000
_cell.angle_gamma   120.000
#
_symmetry.space_group_name_H-M   'P 61 2 2'
#
loop_
_entity.id
_entity.type
_entity.pdbx_description
1 polymer 'B-cell lymphoma 6 protein'
2 polymer ALA-TRP-VAL-ILE-PRO-ALA
3 non-polymer ~{N}-(3-morpholin-4-ylpropyl)-2-(naphthalen-1-ylamino)-1,3-thiazole-4-carboxamide
4 non-polymer 1,2-ETHANEDIOL
5 non-polymer 'CHLORIDE ION'
6 non-polymer 'DIMETHYL SULFOXIDE'
7 water water
#
loop_
_entity_poly.entity_id
_entity_poly.type
_entity_poly.pdbx_seq_one_letter_code
_entity_poly.pdbx_strand_id
1 'polypeptide(L)'
;GPGADSCIQFTRHASDVLLNLNRLRSRDILTDVVIVVSREQFRAHKTVLMACSGLFYSIFTDQLKCNLSVINLDPEINPE
GFCILLDFMYTSRLNLREGNIMAVMATAMYLQMEHVVDTCRKFIKASE
;
A
2 'polypeptide(L)' AWVIPA B
#
# COMPACT_ATOMS: atom_id res chain seq x y z
CA ALA A 4 -23.56 20.21 3.11
C ALA A 4 -22.35 20.96 3.68
N ASP A 5 -22.46 22.28 3.79
CA ASP A 5 -21.40 23.15 4.33
C ASP A 5 -21.49 23.20 5.86
N SER A 6 -22.57 22.63 6.43
CA SER A 6 -22.84 22.59 7.85
C SER A 6 -22.33 21.30 8.55
N CYS A 7 -21.54 20.45 7.87
CA CYS A 7 -21.03 19.18 8.42
CA CYS A 7 -21.10 19.19 8.46
C CYS A 7 -20.12 19.36 9.63
N ILE A 8 -20.09 18.36 10.51
CA ILE A 8 -19.10 18.29 11.60
C ILE A 8 -18.22 17.11 11.13
N GLN A 9 -17.02 16.99 11.66
CA GLN A 9 -16.07 15.97 11.22
C GLN A 9 -15.46 15.24 12.41
N PHE A 10 -15.33 13.90 12.32
CA PHE A 10 -14.69 13.12 13.38
C PHE A 10 -13.25 12.93 12.96
N THR A 11 -12.36 13.65 13.63
N THR A 11 -12.33 13.65 13.64
CA THR A 11 -10.94 13.67 13.30
CA THR A 11 -10.89 13.69 13.34
C THR A 11 -10.32 12.26 13.12
C THR A 11 -10.19 12.32 13.22
N ARG A 12 -10.57 11.34 14.04
CA ARG A 12 -9.95 10.00 14.00
C ARG A 12 -10.57 9.00 13.03
N HIS A 13 -11.70 9.36 12.37
CA HIS A 13 -12.42 8.42 11.53
C HIS A 13 -11.55 7.74 10.46
N ALA A 14 -10.83 8.51 9.63
CA ALA A 14 -10.06 7.88 8.56
C ALA A 14 -9.02 6.91 9.09
N SER A 15 -8.29 7.28 10.15
N SER A 15 -8.31 7.29 10.18
N SER A 15 -8.31 7.29 10.17
CA SER A 15 -7.30 6.34 10.71
CA SER A 15 -7.32 6.45 10.82
CA SER A 15 -7.32 6.42 10.79
C SER A 15 -8.00 5.10 11.30
C SER A 15 -7.94 5.17 11.39
C SER A 15 -7.96 5.16 11.36
N ASP A 16 -9.16 5.27 11.95
CA ASP A 16 -9.90 4.12 12.51
C ASP A 16 -10.33 3.18 11.39
N VAL A 17 -10.80 3.74 10.26
CA VAL A 17 -11.22 2.92 9.11
C VAL A 17 -10.01 2.10 8.61
N LEU A 18 -8.87 2.77 8.43
CA LEU A 18 -7.68 2.09 7.93
C LEU A 18 -7.24 1.01 8.89
N LEU A 19 -7.29 1.28 10.21
CA LEU A 19 -6.94 0.27 11.23
C LEU A 19 -7.84 -0.95 11.10
N ASN A 20 -9.16 -0.72 10.89
CA ASN A 20 -10.09 -1.84 10.73
C ASN A 20 -9.90 -2.59 9.42
N LEU A 21 -9.56 -1.87 8.33
CA LEU A 21 -9.28 -2.59 7.06
C LEU A 21 -8.01 -3.45 7.24
N ASN A 22 -6.99 -2.96 8.00
CA ASN A 22 -5.81 -3.80 8.24
C ASN A 22 -6.16 -5.03 9.13
N ARG A 23 -7.11 -4.89 10.07
CA ARG A 23 -7.56 -6.01 10.90
C ARG A 23 -8.29 -7.04 10.04
N LEU A 24 -9.08 -6.57 9.04
CA LEU A 24 -9.73 -7.50 8.11
C LEU A 24 -8.66 -8.23 7.30
N ARG A 25 -7.65 -7.49 6.79
CA ARG A 25 -6.57 -8.12 6.05
C ARG A 25 -5.83 -9.19 6.91
N SER A 26 -5.47 -8.88 8.16
N SER A 26 -5.50 -8.88 8.18
N SER A 26 -5.50 -8.88 8.17
CA SER A 26 -4.75 -9.82 9.04
CA SER A 26 -4.80 -9.77 9.10
CA SER A 26 -4.78 -9.77 9.09
C SER A 26 -5.54 -11.11 9.28
C SER A 26 -5.55 -11.09 9.29
C SER A 26 -5.55 -11.07 9.39
N ARG A 27 -6.87 -10.99 9.35
CA ARG A 27 -7.73 -12.14 9.57
C ARG A 27 -8.21 -12.76 8.28
N ASP A 28 -7.76 -12.22 7.17
CA ASP A 28 -8.11 -12.72 5.84
C ASP A 28 -9.62 -12.64 5.57
N ILE A 29 -10.24 -11.55 6.00
CA ILE A 29 -11.67 -11.35 5.84
C ILE A 29 -11.94 -10.49 4.60
N LEU A 30 -12.74 -11.05 3.67
CA LEU A 30 -13.18 -10.40 2.44
C LEU A 30 -12.04 -9.99 1.51
N THR A 31 -10.83 -10.55 1.69
CA THR A 31 -9.73 -10.33 0.76
C THR A 31 -10.18 -10.98 -0.55
N ASP A 32 -9.90 -10.32 -1.65
CA ASP A 32 -10.41 -10.73 -2.96
C ASP A 32 -9.32 -10.84 -4.04
N VAL A 33 -8.06 -10.69 -3.66
CA VAL A 33 -7.00 -10.85 -4.66
C VAL A 33 -5.74 -11.37 -3.97
N VAL A 34 -4.96 -12.13 -4.71
CA VAL A 34 -3.64 -12.58 -4.28
C VAL A 34 -2.65 -11.88 -5.21
N ILE A 35 -1.65 -11.19 -4.65
CA ILE A 35 -0.60 -10.53 -5.44
C ILE A 35 0.60 -11.47 -5.32
N VAL A 36 1.14 -11.91 -6.48
CA VAL A 36 2.26 -12.83 -6.49
C VAL A 36 3.54 -12.08 -6.88
N VAL A 37 4.57 -12.20 -6.04
CA VAL A 37 5.85 -11.50 -6.22
C VAL A 37 6.91 -12.58 -6.10
N SER A 38 7.16 -13.19 -7.28
N SER A 38 7.65 -12.88 -7.19
CA SER A 38 8.00 -14.35 -7.54
CA SER A 38 8.73 -13.90 -7.14
C SER A 38 7.48 -15.57 -6.76
C SER A 38 8.30 -15.13 -6.28
N ARG A 39 8.16 -15.98 -5.68
N ARG A 39 7.09 -15.65 -6.58
CA ARG A 39 7.76 -17.13 -4.86
CA ARG A 39 6.41 -16.80 -5.94
C ARG A 39 6.79 -16.76 -3.71
C ARG A 39 5.84 -16.52 -4.54
N GLU A 40 6.59 -15.46 -3.43
N GLU A 40 6.21 -15.39 -3.89
CA GLU A 40 5.71 -15.06 -2.33
CA GLU A 40 5.67 -15.00 -2.58
C GLU A 40 4.31 -14.62 -2.79
C GLU A 40 4.25 -14.48 -2.81
N GLN A 41 3.30 -14.85 -1.94
CA GLN A 41 1.89 -14.48 -2.18
C GLN A 41 1.41 -13.56 -1.10
N PHE A 42 0.64 -12.52 -1.48
CA PHE A 42 0.11 -11.54 -0.52
C PHE A 42 -1.38 -11.37 -0.78
N ARG A 43 -2.21 -11.66 0.22
CA ARG A 43 -3.65 -11.46 0.11
C ARG A 43 -4.00 -10.03 0.47
N ALA A 44 -4.92 -9.43 -0.28
CA ALA A 44 -5.29 -8.03 -0.05
C ALA A 44 -6.70 -7.76 -0.55
N HIS A 45 -7.14 -6.50 -0.38
CA HIS A 45 -8.43 -6.01 -0.87
C HIS A 45 -8.15 -5.13 -2.06
N LYS A 46 -8.78 -5.43 -3.20
CA LYS A 46 -8.56 -4.65 -4.42
C LYS A 46 -8.83 -3.15 -4.21
N THR A 47 -9.87 -2.79 -3.46
CA THR A 47 -10.17 -1.37 -3.27
C THR A 47 -9.07 -0.65 -2.51
N VAL A 48 -8.42 -1.31 -1.54
CA VAL A 48 -7.33 -0.68 -0.81
C VAL A 48 -6.14 -0.47 -1.73
N LEU A 49 -5.79 -1.49 -2.51
CA LEU A 49 -4.69 -1.39 -3.49
C LEU A 49 -4.92 -0.23 -4.47
N MET A 50 -6.15 -0.11 -5.01
CA MET A 50 -6.51 0.94 -5.97
C MET A 50 -6.45 2.31 -5.34
N ALA A 51 -6.81 2.41 -4.05
CA ALA A 51 -6.79 3.68 -3.33
C ALA A 51 -5.36 4.15 -3.04
N CYS A 52 -4.37 3.22 -3.07
CA CYS A 52 -2.99 3.55 -2.71
C CYS A 52 -2.00 3.58 -3.84
N SER A 53 -2.31 2.93 -4.97
CA SER A 53 -1.33 2.74 -6.02
C SER A 53 -1.90 3.04 -7.36
N GLY A 54 -1.18 3.86 -8.14
CA GLY A 54 -1.60 4.13 -9.51
C GLY A 54 -1.60 2.90 -10.38
N LEU A 55 -0.60 1.98 -10.18
CA LEU A 55 -0.55 0.73 -10.94
C LEU A 55 -1.77 -0.13 -10.62
N PHE A 56 -2.12 -0.32 -9.34
CA PHE A 56 -3.29 -1.15 -9.05
C PHE A 56 -4.60 -0.48 -9.47
N TYR A 57 -4.67 0.86 -9.44
CA TYR A 57 -5.86 1.54 -9.93
C TYR A 57 -6.01 1.20 -11.44
N SER A 58 -4.90 1.28 -12.23
CA SER A 58 -4.98 0.95 -13.65
C SER A 58 -5.37 -0.51 -13.87
N ILE A 59 -4.79 -1.44 -13.09
CA ILE A 59 -5.11 -2.85 -13.24
C ILE A 59 -6.58 -3.15 -12.96
N PHE A 60 -7.09 -2.70 -11.82
CA PHE A 60 -8.45 -3.10 -11.43
C PHE A 60 -9.57 -2.26 -12.05
N THR A 61 -9.22 -1.24 -12.85
CA THR A 61 -10.24 -0.51 -13.62
C THR A 61 -10.26 -1.09 -15.05
N ASP A 62 -9.32 -2.01 -15.38
CA ASP A 62 -9.34 -2.65 -16.69
C ASP A 62 -10.52 -3.64 -16.73
N GLN A 63 -11.30 -3.62 -17.82
CA GLN A 63 -12.49 -4.45 -17.95
C GLN A 63 -12.23 -5.95 -17.89
N LEU A 64 -11.00 -6.42 -18.21
CA LEU A 64 -10.68 -7.84 -18.05
C LEU A 64 -9.96 -8.12 -16.74
N LYS A 65 -8.96 -7.30 -16.37
CA LYS A 65 -8.15 -7.55 -15.17
C LYS A 65 -8.91 -7.33 -13.87
N CYS A 66 -9.99 -6.53 -13.89
CA CYS A 66 -10.82 -6.29 -12.69
C CYS A 66 -11.35 -7.61 -12.11
N ASN A 67 -11.53 -8.63 -12.97
CA ASN A 67 -12.08 -9.93 -12.55
C ASN A 67 -11.06 -10.97 -12.15
N LEU A 68 -9.77 -10.66 -12.28
CA LEU A 68 -8.74 -11.63 -11.90
C LEU A 68 -8.60 -11.73 -10.39
N SER A 69 -8.43 -12.98 -9.91
CA SER A 69 -8.25 -13.24 -8.49
CA SER A 69 -8.24 -13.21 -8.48
C SER A 69 -6.75 -13.32 -8.11
N VAL A 70 -5.88 -13.37 -9.13
CA VAL A 70 -4.42 -13.46 -8.95
C VAL A 70 -3.76 -12.45 -9.89
N ILE A 71 -2.84 -11.64 -9.38
CA ILE A 71 -2.06 -10.69 -10.18
C ILE A 71 -0.58 -11.00 -9.95
N ASN A 72 0.15 -11.26 -11.05
CA ASN A 72 1.58 -11.56 -10.95
C ASN A 72 2.40 -10.30 -11.26
N LEU A 73 3.19 -9.84 -10.30
CA LEU A 73 4.07 -8.68 -10.52
C LEU A 73 5.33 -9.05 -11.31
N ASP A 74 5.97 -8.02 -11.89
CA ASP A 74 7.22 -8.18 -12.65
C ASP A 74 8.26 -8.96 -11.78
N PRO A 75 8.99 -9.96 -12.33
CA PRO A 75 9.99 -10.70 -11.52
C PRO A 75 11.13 -9.88 -10.92
N GLU A 76 11.34 -8.63 -11.40
N GLU A 76 11.35 -8.64 -11.40
CA GLU A 76 12.37 -7.75 -10.86
CA GLU A 76 12.38 -7.78 -10.84
C GLU A 76 11.95 -7.16 -9.50
C GLU A 76 11.96 -7.20 -9.48
N ILE A 77 10.65 -7.26 -9.15
CA ILE A 77 10.13 -6.73 -7.87
C ILE A 77 10.53 -7.60 -6.71
N ASN A 78 11.11 -6.95 -5.70
CA ASN A 78 11.57 -7.60 -4.48
C ASN A 78 10.36 -7.87 -3.54
N PRO A 79 10.14 -9.13 -3.10
CA PRO A 79 9.00 -9.41 -2.19
C PRO A 79 9.03 -8.65 -0.87
N GLU A 80 10.22 -8.48 -0.26
CA GLU A 80 10.29 -7.72 0.99
C GLU A 80 9.86 -6.26 0.73
N GLY A 81 10.33 -5.69 -0.39
CA GLY A 81 9.97 -4.34 -0.81
C GLY A 81 8.47 -4.22 -0.98
N PHE A 82 7.84 -5.21 -1.64
CA PHE A 82 6.40 -5.21 -1.78
C PHE A 82 5.70 -5.35 -0.42
N CYS A 83 6.20 -6.22 0.47
CA CYS A 83 5.61 -6.41 1.80
C CYS A 83 5.56 -5.08 2.56
N ILE A 84 6.68 -4.35 2.54
CA ILE A 84 6.82 -3.05 3.22
C ILE A 84 5.81 -2.06 2.67
N LEU A 85 5.64 -2.01 1.35
N LEU A 85 5.65 -2.01 1.32
CA LEU A 85 4.67 -1.08 0.77
CA LEU A 85 4.70 -1.13 0.64
C LEU A 85 3.22 -1.48 1.01
C LEU A 85 3.26 -1.49 0.97
N LEU A 86 2.93 -2.79 1.02
CA LEU A 86 1.59 -3.27 1.35
C LEU A 86 1.26 -2.93 2.80
N ASP A 87 2.22 -3.08 3.72
CA ASP A 87 1.99 -2.67 5.12
C ASP A 87 1.75 -1.17 5.20
N PHE A 88 2.54 -0.38 4.46
CA PHE A 88 2.34 1.06 4.41
C PHE A 88 0.90 1.39 3.92
N MET A 89 0.43 0.74 2.85
CA MET A 89 -0.91 1.01 2.34
C MET A 89 -1.97 0.84 3.45
N TYR A 90 -1.83 -0.21 4.28
CA TYR A 90 -2.80 -0.52 5.32
C TYR A 90 -2.56 0.15 6.66
N THR A 91 -1.47 0.91 6.84
CA THR A 91 -1.18 1.49 8.17
C THR A 91 -0.65 2.89 8.18
N SER A 92 -0.23 3.42 7.03
N SER A 92 -0.18 3.38 7.03
CA SER A 92 0.44 4.75 6.88
CA SER A 92 0.47 4.68 6.81
C SER A 92 1.90 4.71 7.33
C SER A 92 1.90 4.68 7.41
N ARG A 93 2.36 3.57 7.88
N ARG A 93 2.40 3.51 7.84
CA ARG A 93 3.73 3.44 8.40
CA ARG A 93 3.72 3.33 8.46
C ARG A 93 4.62 2.72 7.41
C ARG A 93 4.67 2.65 7.47
N LEU A 94 5.79 3.32 7.14
CA LEU A 94 6.78 2.79 6.18
C LEU A 94 8.03 2.38 6.93
N ASN A 95 8.36 1.09 6.88
CA ASN A 95 9.53 0.57 7.57
C ASN A 95 10.76 0.74 6.66
N LEU A 96 11.26 1.98 6.59
CA LEU A 96 12.36 2.32 5.70
C LEU A 96 13.68 2.18 6.43
N ARG A 97 14.59 1.35 5.90
CA ARG A 97 15.89 1.03 6.52
C ARG A 97 17.00 1.07 5.47
N GLU A 98 18.26 1.26 5.91
N GLU A 98 18.27 1.22 5.91
CA GLU A 98 19.40 1.28 5.00
CA GLU A 98 19.45 1.26 5.06
C GLU A 98 19.40 0.04 4.10
C GLU A 98 19.59 0.00 4.17
N GLY A 99 19.10 -1.13 4.67
CA GLY A 99 19.14 -2.40 3.96
C GLY A 99 17.99 -2.65 3.01
N ASN A 100 16.91 -1.83 3.08
CA ASN A 100 15.78 -2.05 2.18
C ASN A 100 15.41 -0.85 1.32
N ILE A 101 16.02 0.33 1.53
CA ILE A 101 15.58 1.56 0.84
C ILE A 101 15.62 1.46 -0.69
N MET A 102 16.66 0.86 -1.27
CA MET A 102 16.69 0.77 -2.74
C MET A 102 15.55 -0.08 -3.27
N ALA A 103 15.27 -1.24 -2.60
CA ALA A 103 14.15 -2.10 -3.02
C ALA A 103 12.81 -1.41 -2.78
N VAL A 104 12.64 -0.70 -1.66
CA VAL A 104 11.37 0.03 -1.40
C VAL A 104 11.16 1.10 -2.47
N MET A 105 12.21 1.88 -2.80
CA MET A 105 12.08 2.93 -3.80
C MET A 105 11.73 2.34 -5.16
N ALA A 106 12.44 1.28 -5.58
CA ALA A 106 12.15 0.64 -6.88
C ALA A 106 10.71 0.12 -6.89
N THR A 107 10.26 -0.48 -5.79
CA THR A 107 8.89 -1.02 -5.76
C THR A 107 7.86 0.13 -5.82
N ALA A 108 8.13 1.24 -5.09
CA ALA A 108 7.19 2.37 -5.07
C ALA A 108 7.12 3.04 -6.45
N MET A 109 8.24 3.08 -7.20
CA MET A 109 8.20 3.64 -8.55
C MET A 109 7.29 2.78 -9.45
N TYR A 110 7.44 1.46 -9.36
CA TYR A 110 6.64 0.51 -10.13
C TYR A 110 5.14 0.59 -9.75
N LEU A 111 4.86 0.67 -8.47
CA LEU A 111 3.49 0.73 -7.99
C LEU A 111 2.87 2.09 -8.16
N GLN A 112 3.67 3.05 -8.58
CA GLN A 112 3.25 4.43 -8.75
C GLN A 112 2.73 5.06 -7.47
N MET A 113 3.59 5.07 -6.45
CA MET A 113 3.32 5.64 -5.13
C MET A 113 4.38 6.74 -4.89
N GLU A 114 4.09 7.91 -5.44
CA GLU A 114 4.98 9.09 -5.46
C GLU A 114 5.45 9.61 -4.10
N HIS A 115 4.58 9.59 -3.08
CA HIS A 115 4.99 10.09 -1.75
C HIS A 115 6.08 9.22 -1.15
N VAL A 116 6.01 7.90 -1.38
CA VAL A 116 7.04 6.99 -0.89
C VAL A 116 8.33 7.23 -1.70
N VAL A 117 8.22 7.34 -3.04
CA VAL A 117 9.38 7.60 -3.88
C VAL A 117 10.11 8.84 -3.38
N ASP A 118 9.35 9.92 -3.13
CA ASP A 118 9.89 11.19 -2.66
C ASP A 118 10.68 11.07 -1.35
N THR A 119 10.15 10.36 -0.31
N THR A 119 10.18 10.35 -0.33
CA THR A 119 10.89 10.22 0.97
CA THR A 119 10.90 10.19 0.94
C THR A 119 12.13 9.35 0.79
C THR A 119 12.15 9.36 0.77
N CYS A 120 12.09 8.33 -0.10
CA CYS A 120 13.25 7.47 -0.39
C CYS A 120 14.35 8.32 -0.98
N ARG A 121 14.00 9.17 -1.96
CA ARG A 121 14.96 10.07 -2.60
C ARG A 121 15.58 11.00 -1.57
N LYS A 122 14.78 11.52 -0.63
CA LYS A 122 15.31 12.43 0.40
C LYS A 122 16.29 11.72 1.34
N PHE A 123 15.97 10.46 1.75
CA PHE A 123 16.86 9.72 2.67
C PHE A 123 18.15 9.32 2.00
N ILE A 124 18.08 8.94 0.71
CA ILE A 124 19.27 8.58 -0.07
C ILE A 124 20.18 9.81 -0.23
N LYS A 125 19.58 10.95 -0.61
CA LYS A 125 20.29 12.21 -0.82
C LYS A 125 21.02 12.67 0.45
N ALA A 126 20.38 12.51 1.61
CA ALA A 126 20.96 12.86 2.92
C ALA A 126 22.23 12.06 3.27
N SER A 127 22.33 10.81 2.77
N SER A 127 22.35 10.82 2.78
CA SER A 127 23.44 9.87 3.00
CA SER A 127 23.50 9.96 3.05
C SER A 127 24.58 10.00 1.98
C SER A 127 24.68 10.25 2.11
N GLU A 128 24.40 10.81 0.92
CA GLU A 128 25.43 11.10 -0.09
C GLU A 128 25.90 12.54 -0.03
CA ALA B 1 -13.19 14.10 18.77
C ALA B 1 -13.83 14.66 17.49
N TRP B 2 -14.88 15.47 17.65
CA TRP B 2 -15.62 16.09 16.55
C TRP B 2 -15.16 17.53 16.45
N VAL B 3 -15.09 18.02 15.21
CA VAL B 3 -14.65 19.40 14.94
C VAL B 3 -15.43 20.06 13.79
N ILE B 4 -15.25 21.37 13.63
CA ILE B 4 -15.77 22.12 12.48
C ILE B 4 -14.66 21.99 11.43
N PRO B 5 -14.88 21.27 10.32
CA PRO B 5 -13.78 21.09 9.36
C PRO B 5 -13.45 22.35 8.56
N ALA B 6 -12.19 22.49 8.16
#